data_3RIU
#
_entry.id   3RIU
#
_cell.length_a   196.030
_cell.length_b   196.030
_cell.length_c   155.189
_cell.angle_alpha   90.00
_cell.angle_beta   90.00
_cell.angle_gamma   120.00
#
_symmetry.space_group_name_H-M   'P 61 2 2'
#
loop_
_entity.id
_entity.type
_entity.pdbx_description
1 polymer Translin
2 polymer 'Translin associated factor X, isoform B'
#
loop_
_entity_poly.entity_id
_entity_poly.type
_entity_poly.pdbx_seq_one_letter_code
_entity_poly.pdbx_strand_id
1 'polypeptide(L)'
;S(MSE)SNFVNLDIFSNYQKYIDNEQEVRENIRIVVREIEHLSKEAQIKLQIIHSDLSQISAACGLARKQVELCAQKYQK
LAELVPAGQYYRYSDHWTFITQRLIFIIALVIYLEAGFLVTRETVAE(MSE)LGLKISQSEGFHLDVEDYLLGILQLASE
LSRFATNSVT(MSE)GDYERPLNISHFIGDLNTGFRLLNLKNDGLRKRFDALKYDVKKIEEVVYDVSIRG
;
A,B
2 'polypeptide(L)'
;IVQQFRIYSNELI(MSE)KHDRHERIVKLSRDITIESKRIIFLLHSIDSRKQNKEKVLEEARQRLNKLIAVNFRAVALEL
RDQDVYQFRSSYSPGLQEFIEAYTY(MSE)EYLCHEDAEGENETKSVSDWQAIQAV(MSE)QYVEESSQPKEEPTEGEDV
QAIAQVESPKKFQFFVDPTEYILGLSDLTGEL(MSE)RRCINSLGSGDTDTCLDTCKALQHFYSGYISLNCQRARELWRK
ITT(MSE)KQSVLKAENVCYNVKVRGGEAAKWGATFDQKPADEVDEGFY
;
C
#
# COMPACT_ATOMS: atom_id res chain seq x y z
N ASP A 9 -18.44 -4.70 -12.93
CA ASP A 9 -18.16 -4.38 -14.32
C ASP A 9 -16.90 -5.11 -14.77
N ILE A 10 -16.62 -6.24 -14.12
CA ILE A 10 -15.46 -7.09 -14.44
C ILE A 10 -14.14 -6.49 -13.96
N PHE A 11 -13.88 -6.60 -12.66
CA PHE A 11 -12.61 -6.16 -12.08
C PHE A 11 -11.58 -7.28 -12.08
N SER A 12 -11.81 -8.30 -12.89
CA SER A 12 -10.87 -9.41 -12.98
C SER A 12 -9.50 -8.89 -13.40
N ASN A 13 -9.48 -8.17 -14.51
CA ASN A 13 -8.26 -7.53 -15.01
C ASN A 13 -7.84 -6.35 -14.12
N TYR A 14 -8.83 -5.56 -13.75
CA TYR A 14 -8.66 -4.41 -12.87
C TYR A 14 -7.73 -4.72 -11.68
N GLN A 15 -7.99 -5.85 -11.02
CA GLN A 15 -7.18 -6.27 -9.89
C GLN A 15 -6.01 -7.12 -10.35
N LYS A 16 -6.21 -7.89 -11.41
CA LYS A 16 -5.17 -8.78 -11.91
C LYS A 16 -3.89 -8.02 -12.25
N TYR A 17 -4.03 -6.74 -12.58
CA TYR A 17 -2.86 -5.90 -12.86
C TYR A 17 -1.93 -5.86 -11.65
N ILE A 18 -2.46 -5.37 -10.53
CA ILE A 18 -1.69 -5.31 -9.29
C ILE A 18 -1.32 -6.72 -8.84
N ASP A 19 -2.16 -7.69 -9.18
CA ASP A 19 -1.90 -9.08 -8.83
C ASP A 19 -0.65 -9.60 -9.55
N ASN A 20 -0.35 -9.01 -10.70
CA ASN A 20 0.88 -9.31 -11.43
C ASN A 20 2.02 -8.45 -10.91
N GLU A 21 1.66 -7.30 -10.36
CA GLU A 21 2.64 -6.43 -9.72
C GLU A 21 3.29 -7.13 -8.53
N GLN A 22 2.46 -7.58 -7.59
CA GLN A 22 2.91 -8.19 -6.34
C GLN A 22 4.03 -9.21 -6.55
N GLU A 23 3.79 -10.17 -7.44
CA GLU A 23 4.79 -11.19 -7.74
C GLU A 23 6.15 -10.58 -7.98
N VAL A 24 6.18 -9.55 -8.84
CA VAL A 24 7.40 -8.80 -9.09
C VAL A 24 7.93 -8.23 -7.77
N ARG A 25 7.06 -7.54 -7.05
CA ARG A 25 7.41 -6.95 -5.76
C ARG A 25 8.10 -7.98 -4.85
N GLU A 26 7.91 -9.26 -5.15
CA GLU A 26 8.54 -10.32 -4.37
C GLU A 26 9.88 -10.73 -4.98
N ASN A 27 9.84 -10.99 -6.29
CA ASN A 27 11.03 -11.41 -7.04
C ASN A 27 12.16 -10.43 -6.90
N ILE A 28 11.82 -9.18 -6.58
CA ILE A 28 12.86 -8.19 -6.30
C ILE A 28 13.26 -8.25 -4.81
N ARG A 29 12.30 -8.58 -3.95
CA ARG A 29 12.58 -8.67 -2.51
C ARG A 29 13.63 -9.73 -2.20
N ILE A 30 13.52 -10.90 -2.82
CA ILE A 30 14.55 -11.91 -2.61
C ILE A 30 15.94 -11.32 -2.89
N VAL A 31 16.04 -10.60 -4.01
CA VAL A 31 17.28 -9.94 -4.40
C VAL A 31 17.75 -8.96 -3.32
N VAL A 32 16.85 -8.07 -2.92
CA VAL A 32 17.12 -7.12 -1.85
C VAL A 32 17.72 -7.83 -0.63
N ARG A 33 17.21 -9.02 -0.32
CA ARG A 33 17.67 -9.77 0.84
C ARG A 33 19.07 -10.35 0.66
N GLU A 34 19.28 -11.12 -0.41
CA GLU A 34 20.60 -11.68 -0.65
C GLU A 34 21.66 -10.58 -0.69
N ILE A 35 21.34 -9.48 -1.36
CA ILE A 35 22.21 -8.31 -1.35
C ILE A 35 22.46 -7.83 0.07
N GLU A 36 21.38 -7.74 0.85
CA GLU A 36 21.48 -7.34 2.25
C GLU A 36 22.58 -8.12 2.95
N HIS A 37 22.59 -9.44 2.78
CA HIS A 37 23.66 -10.26 3.36
C HIS A 37 25.03 -9.90 2.78
N LEU A 38 25.11 -9.91 1.45
CA LEU A 38 26.34 -9.55 0.75
C LEU A 38 27.02 -8.33 1.37
N SER A 39 26.25 -7.27 1.60
CA SER A 39 26.80 -6.06 2.19
C SER A 39 27.00 -6.22 3.70
N LYS A 40 26.24 -7.11 4.33
CA LYS A 40 26.42 -7.39 5.76
C LYS A 40 27.84 -7.88 6.04
N GLU A 41 28.38 -8.67 5.11
CA GLU A 41 29.79 -9.04 5.21
C GLU A 41 30.67 -7.80 5.37
N ALA A 42 30.71 -7.00 4.31
CA ALA A 42 31.48 -5.76 4.32
C ALA A 42 31.28 -4.99 5.61
N GLN A 43 30.04 -4.72 5.96
CA GLN A 43 29.74 -3.96 7.17
C GLN A 43 30.45 -4.54 8.39
N ILE A 44 30.40 -5.86 8.54
CA ILE A 44 31.13 -6.47 9.66
C ILE A 44 32.62 -6.14 9.56
N LYS A 45 33.17 -6.28 8.36
CA LYS A 45 34.60 -6.00 8.16
C LYS A 45 34.95 -4.59 8.62
N LEU A 46 34.10 -3.64 8.28
CA LEU A 46 34.36 -2.25 8.60
C LEU A 46 34.12 -1.96 10.07
N GLN A 47 33.27 -2.75 10.72
CA GLN A 47 33.11 -2.62 12.15
C GLN A 47 34.32 -3.21 12.85
N ILE A 48 35.08 -4.00 12.10
CA ILE A 48 36.33 -4.55 12.61
C ILE A 48 37.42 -3.47 12.77
N ILE A 49 37.35 -2.42 11.98
CA ILE A 49 38.41 -1.40 11.94
C ILE A 49 38.40 -0.44 13.12
N HIS A 50 37.38 -0.53 13.97
CA HIS A 50 37.36 0.28 15.18
C HIS A 50 38.03 -0.48 16.32
N SER A 51 38.65 -1.61 15.98
CA SER A 51 39.27 -2.46 17.00
C SER A 51 40.75 -2.70 16.72
N ASP A 52 41.12 -2.80 15.45
CA ASP A 52 42.51 -3.05 15.07
C ASP A 52 42.82 -2.43 13.70
N LEU A 53 43.90 -1.63 13.64
CA LEU A 53 44.27 -0.92 12.42
C LEU A 53 44.88 -1.83 11.35
N SER A 54 45.73 -2.76 11.78
CA SER A 54 46.47 -3.62 10.86
C SER A 54 45.58 -4.54 10.05
N GLN A 55 44.30 -4.23 9.98
CA GLN A 55 43.35 -5.03 9.22
C GLN A 55 42.93 -4.28 7.96
N ILE A 56 43.09 -2.96 7.98
CA ILE A 56 42.66 -2.10 6.89
C ILE A 56 42.79 -2.75 5.51
N SER A 57 44.02 -2.86 5.02
CA SER A 57 44.26 -3.44 3.71
C SER A 57 43.34 -4.64 3.47
N ALA A 58 43.44 -5.63 4.34
CA ALA A 58 42.60 -6.82 4.24
C ALA A 58 41.14 -6.47 4.03
N ALA A 59 40.55 -5.79 5.02
CA ALA A 59 39.15 -5.41 4.99
C ALA A 59 38.75 -4.80 3.65
N CYS A 60 39.69 -4.18 2.96
CA CYS A 60 39.43 -3.64 1.62
C CYS A 60 39.29 -4.78 0.62
N GLY A 61 40.38 -5.50 0.40
CA GLY A 61 40.39 -6.61 -0.54
C GLY A 61 39.17 -7.50 -0.36
N LEU A 62 38.74 -7.66 0.90
CA LEU A 62 37.58 -8.48 1.23
C LEU A 62 36.28 -7.78 0.83
N ALA A 63 36.10 -6.55 1.30
CA ALA A 63 34.90 -5.78 1.00
C ALA A 63 34.70 -5.66 -0.50
N ARG A 64 35.75 -5.24 -1.22
CA ARG A 64 35.69 -5.18 -2.67
C ARG A 64 35.37 -6.55 -3.23
N LYS A 65 35.98 -7.58 -2.65
CA LYS A 65 35.74 -8.95 -3.08
C LYS A 65 34.25 -9.24 -2.97
N GLN A 66 33.63 -8.68 -1.94
CA GLN A 66 32.19 -8.79 -1.76
C GLN A 66 31.44 -8.00 -2.82
N VAL A 67 31.90 -6.78 -3.09
CA VAL A 67 31.20 -5.89 -4.02
C VAL A 67 31.15 -6.41 -5.45
N GLU A 68 32.26 -6.97 -5.93
CA GLU A 68 32.28 -7.53 -7.28
C GLU A 68 31.22 -8.62 -7.38
N LEU A 69 30.69 -9.02 -6.22
CA LEU A 69 29.61 -9.99 -6.15
C LEU A 69 28.27 -9.27 -6.18
N CYS A 70 28.14 -8.24 -5.33
CA CYS A 70 26.93 -7.43 -5.29
C CYS A 70 26.47 -7.03 -6.67
N ALA A 71 27.37 -6.41 -7.43
CA ALA A 71 27.07 -5.97 -8.79
C ALA A 71 26.45 -7.11 -9.60
N GLN A 72 27.07 -8.29 -9.52
CA GLN A 72 26.58 -9.45 -10.27
C GLN A 72 25.11 -9.75 -9.96
N LYS A 73 24.73 -9.57 -8.70
CA LYS A 73 23.34 -9.77 -8.29
C LYS A 73 22.48 -8.59 -8.73
N TYR A 74 23.05 -7.39 -8.70
CA TYR A 74 22.34 -6.18 -9.09
C TYR A 74 21.86 -6.26 -10.53
N GLN A 75 22.67 -6.88 -11.39
CA GLN A 75 22.29 -7.08 -12.78
C GLN A 75 21.06 -7.96 -12.87
N LYS A 76 20.95 -8.93 -11.97
CA LYS A 76 19.76 -9.77 -11.88
C LYS A 76 18.56 -8.90 -11.55
N LEU A 77 18.79 -7.87 -10.75
CA LEU A 77 17.75 -6.93 -10.37
C LEU A 77 17.43 -6.01 -11.54
N ALA A 78 18.36 -5.95 -12.50
CA ALA A 78 18.22 -5.05 -13.65
C ALA A 78 17.19 -5.54 -14.66
N GLU A 79 17.34 -6.78 -15.11
CA GLU A 79 16.46 -7.32 -16.14
C GLU A 79 15.02 -7.48 -15.62
N LEU A 80 14.87 -7.49 -14.30
CA LEU A 80 13.55 -7.59 -13.69
C LEU A 80 12.79 -6.28 -13.86
N VAL A 81 13.53 -5.22 -14.16
CA VAL A 81 12.94 -3.89 -14.31
C VAL A 81 12.61 -3.57 -15.76
N PRO A 82 11.32 -3.63 -16.11
CA PRO A 82 10.86 -3.39 -17.48
C PRO A 82 10.87 -1.90 -17.82
N ALA A 83 11.75 -1.50 -18.74
CA ALA A 83 11.83 -0.14 -19.23
C ALA A 83 11.82 0.89 -18.09
N GLY A 84 10.80 1.74 -18.07
CA GLY A 84 10.70 2.82 -17.11
C GLY A 84 9.91 2.45 -15.87
N GLN A 85 10.39 1.44 -15.15
CA GLN A 85 9.74 1.00 -13.93
C GLN A 85 10.70 1.09 -12.75
N TYR A 86 11.82 1.77 -12.94
CA TYR A 86 12.79 1.94 -11.87
C TYR A 86 12.15 2.63 -10.68
N TYR A 87 11.45 3.73 -10.96
CA TYR A 87 10.84 4.52 -9.89
C TYR A 87 9.44 4.04 -9.52
N ARG A 88 9.15 2.78 -9.86
CA ARG A 88 7.86 2.18 -9.49
C ARG A 88 8.07 1.16 -8.38
N TYR A 89 9.27 0.58 -8.35
CA TYR A 89 9.62 -0.42 -7.33
C TYR A 89 10.90 -0.04 -6.59
N SER A 90 11.47 1.11 -6.92
CA SER A 90 12.77 1.48 -6.37
C SER A 90 12.84 1.34 -4.85
N ASP A 91 11.77 1.77 -4.19
CA ASP A 91 11.73 1.84 -2.73
C ASP A 91 12.27 0.59 -2.02
N HIS A 92 12.36 -0.52 -2.74
CA HIS A 92 12.86 -1.74 -2.14
C HIS A 92 14.38 -1.79 -2.05
N TRP A 93 15.06 -1.25 -3.06
CA TRP A 93 16.50 -1.39 -3.12
C TRP A 93 17.29 -0.13 -2.74
N THR A 94 16.59 1.00 -2.58
CA THR A 94 17.27 2.25 -2.27
C THR A 94 18.00 2.19 -0.94
N PHE A 95 17.28 1.84 0.12
CA PHE A 95 17.84 1.81 1.47
C PHE A 95 19.07 0.90 1.54
N ILE A 96 19.15 -0.06 0.62
CA ILE A 96 20.29 -0.97 0.56
C ILE A 96 21.39 -0.36 -0.30
N THR A 97 21.00 0.05 -1.50
CA THR A 97 21.88 0.76 -2.41
C THR A 97 22.71 1.82 -1.69
N GLN A 98 22.08 2.51 -0.75
CA GLN A 98 22.75 3.55 0.02
C GLN A 98 23.81 2.95 0.92
N ARG A 99 23.52 1.77 1.47
CA ARG A 99 24.49 1.10 2.32
C ARG A 99 25.69 0.65 1.52
N LEU A 100 25.47 0.27 0.25
CA LEU A 100 26.59 -0.05 -0.63
C LEU A 100 27.42 1.18 -0.98
N ILE A 101 26.74 2.20 -1.50
CA ILE A 101 27.39 3.46 -1.82
C ILE A 101 28.22 3.93 -0.64
N PHE A 102 27.72 3.66 0.57
CA PHE A 102 28.43 4.00 1.78
C PHE A 102 29.65 3.13 1.99
N ILE A 103 29.46 1.82 1.84
CA ILE A 103 30.58 0.89 1.93
C ILE A 103 31.71 1.39 1.06
N ILE A 104 31.44 1.48 -0.24
CA ILE A 104 32.37 2.04 -1.20
C ILE A 104 33.01 3.32 -0.66
N ALA A 105 32.16 4.33 -0.44
CA ALA A 105 32.61 5.64 0.05
C ALA A 105 33.56 5.54 1.24
N LEU A 106 33.49 4.44 1.98
CA LEU A 106 34.38 4.23 3.10
C LEU A 106 35.69 3.61 2.64
N VAL A 107 35.58 2.51 1.90
CA VAL A 107 36.74 1.80 1.41
C VAL A 107 37.68 2.73 0.65
N ILE A 108 37.11 3.58 -0.20
CA ILE A 108 37.93 4.48 -1.01
C ILE A 108 38.46 5.68 -0.22
N TYR A 109 38.09 5.76 1.05
CA TYR A 109 38.73 6.73 1.93
C TYR A 109 39.81 6.02 2.73
N LEU A 110 39.63 4.72 2.91
CA LEU A 110 40.62 3.94 3.64
C LEU A 110 41.79 3.54 2.75
N GLU A 111 41.58 3.60 1.44
CA GLU A 111 42.65 3.31 0.49
C GLU A 111 43.28 4.60 -0.03
N ALA A 112 42.44 5.57 -0.37
CA ALA A 112 42.92 6.87 -0.84
C ALA A 112 42.42 7.99 0.06
N GLY A 113 42.85 9.21 -0.21
CA GLY A 113 42.52 10.35 0.62
C GLY A 113 41.31 11.14 0.15
N PHE A 114 40.41 10.48 -0.55
CA PHE A 114 39.22 11.15 -1.07
C PHE A 114 38.02 10.22 -1.18
N LEU A 115 36.95 10.72 -1.79
CA LEU A 115 35.72 9.95 -1.96
C LEU A 115 35.44 9.69 -3.43
N VAL A 116 34.68 8.64 -3.70
CA VAL A 116 34.28 8.30 -5.06
C VAL A 116 33.08 9.14 -5.51
N THR A 117 32.71 9.00 -6.78
CA THR A 117 31.61 9.79 -7.34
C THR A 117 30.62 8.92 -8.09
N ARG A 118 29.46 9.51 -8.39
CA ARG A 118 28.40 8.84 -9.13
C ARG A 118 28.94 7.85 -10.15
N GLU A 119 29.75 8.35 -11.08
CA GLU A 119 30.32 7.51 -12.13
C GLU A 119 31.14 6.37 -11.53
N THR A 120 32.22 6.73 -10.82
CA THR A 120 33.12 5.75 -10.24
C THR A 120 32.37 4.64 -9.47
N VAL A 121 31.29 5.02 -8.79
CA VAL A 121 30.50 4.09 -8.01
C VAL A 121 29.68 3.17 -8.90
N ALA A 122 28.98 3.76 -9.85
CA ALA A 122 28.12 2.99 -10.74
C ALA A 122 28.91 1.97 -11.54
N GLU A 123 30.08 2.37 -12.01
CA GLU A 123 30.91 1.47 -12.80
C GLU A 123 31.28 0.22 -12.00
N LEU A 125 29.29 -1.03 -9.35
CA LEU A 125 28.08 -1.77 -9.06
C LEU A 125 27.36 -2.19 -10.34
N GLY A 126 28.09 -2.14 -11.45
CA GLY A 126 27.55 -2.55 -12.74
C GLY A 126 26.26 -1.82 -13.08
N LEU A 127 26.17 -0.56 -12.67
CA LEU A 127 24.99 0.24 -12.96
C LEU A 127 25.32 1.40 -13.90
N LYS A 128 24.29 2.05 -14.40
CA LYS A 128 24.45 3.19 -15.28
C LYS A 128 24.23 4.50 -14.53
N ILE A 129 24.11 5.58 -15.28
CA ILE A 129 24.02 6.92 -14.69
C ILE A 129 22.69 7.63 -14.98
N SER A 130 22.48 8.01 -16.24
CA SER A 130 21.24 8.67 -16.62
C SER A 130 20.13 7.63 -16.81
N GLN A 131 18.91 8.00 -16.43
CA GLN A 131 17.77 7.09 -16.53
C GLN A 131 17.61 6.56 -17.95
N SER A 132 18.10 7.34 -18.92
CA SER A 132 17.97 6.98 -20.33
C SER A 132 18.83 5.78 -20.71
N GLU A 133 19.95 5.60 -20.02
CA GLU A 133 20.86 4.49 -20.29
C GLU A 133 20.23 3.17 -19.86
N GLY A 134 19.35 3.23 -18.87
CA GLY A 134 18.70 2.03 -18.34
C GLY A 134 18.69 2.04 -16.82
N PHE A 135 18.91 0.88 -16.22
CA PHE A 135 19.01 0.77 -14.78
C PHE A 135 20.15 1.66 -14.33
N HIS A 136 19.86 2.57 -13.39
CA HIS A 136 20.85 3.55 -12.99
C HIS A 136 20.94 3.70 -11.49
N LEU A 137 21.86 4.57 -11.06
CA LEU A 137 21.99 4.92 -9.65
C LEU A 137 21.45 6.32 -9.43
N ASP A 138 20.25 6.41 -8.86
CA ASP A 138 19.64 7.70 -8.58
C ASP A 138 20.58 8.53 -7.71
N VAL A 139 20.81 9.76 -8.13
CA VAL A 139 21.76 10.63 -7.44
C VAL A 139 21.47 10.73 -5.95
N GLU A 140 20.19 10.84 -5.60
CA GLU A 140 19.79 10.89 -4.19
C GLU A 140 20.41 9.76 -3.39
N ASP A 141 20.20 8.52 -3.83
CA ASP A 141 20.76 7.35 -3.17
C ASP A 141 22.26 7.53 -2.98
N TYR A 142 22.93 7.97 -4.02
CA TYR A 142 24.35 8.27 -3.92
C TYR A 142 24.63 9.18 -2.73
N LEU A 143 24.02 10.36 -2.74
CA LEU A 143 24.23 11.35 -1.70
C LEU A 143 23.99 10.82 -0.29
N LEU A 144 22.85 10.14 -0.11
CA LEU A 144 22.51 9.58 1.19
C LEU A 144 23.51 8.53 1.65
N GLY A 145 23.95 7.69 0.71
CA GLY A 145 24.98 6.71 0.99
C GLY A 145 26.25 7.41 1.42
N ILE A 146 26.44 8.62 0.91
CA ILE A 146 27.61 9.43 1.25
C ILE A 146 27.56 9.98 2.67
N LEU A 147 26.42 10.58 3.05
CA LEU A 147 26.33 11.19 4.38
C LEU A 147 26.72 10.27 5.54
N GLN A 148 26.09 9.10 5.63
CA GLN A 148 26.37 8.16 6.70
C GLN A 148 27.87 8.07 6.97
N LEU A 149 28.64 8.08 5.88
CA LEU A 149 30.10 8.06 5.92
C LEU A 149 30.66 8.95 7.03
N ALA A 150 30.06 10.12 7.20
CA ALA A 150 30.50 11.08 8.20
C ALA A 150 30.29 10.57 9.62
N SER A 151 29.04 10.29 9.95
CA SER A 151 28.70 9.78 11.28
C SER A 151 29.55 8.57 11.61
N GLU A 152 30.01 7.88 10.57
CA GLU A 152 30.96 6.79 10.78
C GLU A 152 32.32 7.35 11.16
N LEU A 153 32.87 8.19 10.28
CA LEU A 153 34.21 8.77 10.46
C LEU A 153 34.39 9.53 11.78
N SER A 154 33.27 9.87 12.42
CA SER A 154 33.34 10.46 13.75
C SER A 154 33.82 9.42 14.77
N ARG A 155 33.11 8.29 14.83
CA ARG A 155 33.50 7.19 15.72
C ARG A 155 34.86 6.64 15.32
N PHE A 156 35.11 6.54 14.02
CA PHE A 156 36.39 6.04 13.55
C PHE A 156 37.56 6.97 13.88
N ALA A 157 37.28 8.27 13.94
CA ALA A 157 38.29 9.26 14.35
C ALA A 157 38.57 9.14 15.85
N THR A 158 37.49 9.02 16.63
CA THR A 158 37.63 8.79 18.07
C THR A 158 38.49 7.56 18.38
N ASN A 159 38.10 6.41 17.82
CA ASN A 159 38.86 5.18 18.01
C ASN A 159 40.29 5.26 17.48
N SER A 160 40.43 5.71 16.23
CA SER A 160 41.75 5.81 15.62
C SER A 160 42.67 6.71 16.43
N VAL A 161 42.08 7.59 17.25
CA VAL A 161 42.85 8.33 18.25
C VAL A 161 43.14 7.51 19.50
N THR A 162 42.18 6.67 19.90
CA THR A 162 42.42 5.73 21.00
C THR A 162 43.61 4.82 20.70
N GLY A 164 46.64 5.85 18.88
CA GLY A 164 47.92 6.50 18.66
C GLY A 164 48.07 7.43 17.47
N ASP A 165 47.19 7.31 16.49
CA ASP A 165 47.26 8.12 15.27
C ASP A 165 46.83 9.57 15.50
N TYR A 166 47.75 10.50 15.27
CA TYR A 166 47.47 11.92 15.42
C TYR A 166 46.99 12.51 14.10
N GLU A 167 47.17 11.76 13.01
CA GLU A 167 46.88 12.25 11.67
C GLU A 167 45.43 11.99 11.25
N ARG A 168 44.83 10.96 11.85
CA ARG A 168 43.48 10.56 11.49
C ARG A 168 42.47 11.70 11.66
N PRO A 169 42.43 12.32 12.85
CA PRO A 169 41.50 13.45 13.07
C PRO A 169 41.71 14.59 12.07
N LEU A 170 42.95 14.85 11.70
CA LEU A 170 43.24 15.86 10.68
C LEU A 170 42.60 15.44 9.37
N ASN A 171 43.21 14.45 8.73
CA ASN A 171 42.74 13.97 7.44
C ASN A 171 41.22 13.96 7.40
N ILE A 172 40.62 13.21 8.33
CA ILE A 172 39.18 13.10 8.45
C ILE A 172 38.50 14.47 8.50
N SER A 173 39.08 15.39 9.26
CA SER A 173 38.47 16.71 9.40
C SER A 173 38.50 17.47 8.08
N HIS A 174 39.55 17.26 7.29
CA HIS A 174 39.62 17.90 5.97
C HIS A 174 38.55 17.31 5.05
N PHE A 175 38.55 15.99 4.96
CA PHE A 175 37.55 15.22 4.23
C PHE A 175 36.13 15.72 4.50
N ILE A 176 35.75 15.71 5.77
CA ILE A 176 34.42 16.15 6.16
C ILE A 176 34.21 17.65 5.95
N GLY A 177 35.27 18.45 6.08
CA GLY A 177 35.17 19.87 5.78
C GLY A 177 34.66 20.08 4.37
N ASP A 178 35.42 19.54 3.42
CA ASP A 178 35.05 19.67 2.01
C ASP A 178 33.69 19.03 1.69
N LEU A 179 33.42 17.84 2.23
CA LEU A 179 32.11 17.23 2.05
C LEU A 179 31.02 18.21 2.45
N ASN A 180 31.16 18.77 3.65
CA ASN A 180 30.17 19.67 4.18
C ASN A 180 29.95 20.80 3.19
N THR A 181 31.05 21.43 2.78
CA THR A 181 30.94 22.54 1.84
C THR A 181 30.11 22.12 0.61
N GLY A 182 30.47 20.98 0.04
CA GLY A 182 29.76 20.44 -1.10
C GLY A 182 28.28 20.21 -0.88
N PHE A 183 27.90 19.88 0.34
CA PHE A 183 26.49 19.68 0.64
C PHE A 183 25.80 20.99 1.00
N ARG A 184 26.61 22.03 1.20
CA ARG A 184 26.08 23.36 1.42
C ARG A 184 25.80 24.05 0.09
N LEU A 185 26.60 23.73 -0.93
CA LEU A 185 26.40 24.30 -2.25
C LEU A 185 25.12 23.80 -2.91
N LEU A 186 24.63 22.66 -2.45
CA LEU A 186 23.38 22.10 -2.98
C LEU A 186 22.19 22.96 -2.58
N ASN A 187 21.06 22.76 -3.25
CA ASN A 187 19.86 23.57 -3.00
C ASN A 187 19.66 23.89 -1.52
N LEU A 188 19.34 25.14 -1.22
CA LEU A 188 19.10 25.56 0.16
C LEU A 188 17.79 24.99 0.68
N ASP A 191 14.60 18.49 -0.79
CA ASP A 191 13.85 17.29 -0.48
C ASP A 191 13.81 17.04 1.03
N GLY A 192 14.09 15.80 1.43
CA GLY A 192 14.07 15.43 2.83
C GLY A 192 15.44 15.09 3.38
N LEU A 193 16.47 15.37 2.59
CA LEU A 193 17.84 15.08 2.99
C LEU A 193 18.44 16.22 3.80
N ARG A 194 17.75 17.35 3.85
CA ARG A 194 18.23 18.53 4.57
C ARG A 194 18.59 18.21 6.03
N LYS A 195 17.66 17.54 6.71
CA LYS A 195 17.88 17.16 8.11
C LYS A 195 19.21 16.42 8.26
N ARG A 196 19.45 15.49 7.35
CA ARG A 196 20.70 14.74 7.33
C ARG A 196 21.90 15.68 7.23
N PHE A 197 21.76 16.75 6.45
CA PHE A 197 22.81 17.74 6.31
C PHE A 197 23.07 18.46 7.63
N ASP A 198 22.00 18.80 8.34
CA ASP A 198 22.15 19.39 9.67
C ASP A 198 22.96 18.45 10.57
N ALA A 199 22.53 17.19 10.60
CA ALA A 199 23.25 16.18 11.37
C ALA A 199 24.73 16.19 11.01
N LEU A 200 25.00 16.31 9.71
CA LEU A 200 26.38 16.42 9.24
C LEU A 200 27.08 17.58 9.94
N LYS A 201 26.42 18.73 9.96
CA LYS A 201 26.98 19.89 10.66
C LYS A 201 27.41 19.51 12.08
N TYR A 202 26.50 18.86 12.82
CA TYR A 202 26.85 18.39 14.15
C TYR A 202 28.15 17.58 14.14
N ASP A 203 28.19 16.54 13.30
CA ASP A 203 29.35 15.66 13.24
C ASP A 203 30.66 16.40 12.91
N VAL A 204 30.57 17.41 12.04
CA VAL A 204 31.72 18.25 11.75
C VAL A 204 32.17 18.90 13.04
N LYS A 205 31.24 19.53 13.76
CA LYS A 205 31.57 20.12 15.05
C LYS A 205 32.38 19.14 15.89
N LYS A 206 31.84 17.94 16.07
CA LYS A 206 32.53 16.93 16.88
C LYS A 206 33.97 16.66 16.41
N ILE A 207 34.14 16.40 15.11
CA ILE A 207 35.48 16.10 14.60
C ILE A 207 36.43 17.28 14.82
N GLU A 208 35.91 18.50 14.74
CA GLU A 208 36.72 19.68 15.03
C GLU A 208 37.18 19.65 16.48
N GLU A 209 36.24 19.38 17.38
CA GLU A 209 36.57 19.25 18.80
C GLU A 209 37.73 18.28 18.97
N VAL A 210 37.58 17.07 18.43
CA VAL A 210 38.64 16.08 18.50
C VAL A 210 39.96 16.60 17.96
N VAL A 211 39.94 17.25 16.80
CA VAL A 211 41.17 17.76 16.20
C VAL A 211 41.88 18.74 17.12
N TYR A 212 41.12 19.64 17.74
CA TYR A 212 41.68 20.55 18.73
C TYR A 212 42.32 19.74 19.85
N ASP A 213 41.55 18.81 20.41
CA ASP A 213 42.00 18.02 21.56
C ASP A 213 43.31 17.30 21.34
N VAL A 214 43.74 17.16 20.09
CA VAL A 214 45.01 16.51 19.78
C VAL A 214 46.19 17.46 20.03
N SER A 215 46.02 18.34 21.01
CA SER A 215 47.07 19.29 21.40
C SER A 215 47.58 18.98 22.81
N ILE A 216 48.00 17.73 23.01
CA ILE A 216 48.52 17.29 24.30
C ILE A 216 48.96 15.82 24.23
N LEU B 8 29.91 -12.66 18.29
CA LEU B 8 29.20 -13.48 17.30
C LEU B 8 29.25 -14.95 17.67
N ASP B 9 29.95 -15.25 18.76
CA ASP B 9 30.12 -16.63 19.23
C ASP B 9 28.81 -17.41 19.23
N ILE B 10 27.81 -16.90 19.94
CA ILE B 10 26.53 -17.57 20.03
C ILE B 10 25.47 -16.91 19.16
N PHE B 11 25.73 -15.67 18.75
CA PHE B 11 24.77 -14.89 17.97
C PHE B 11 24.46 -15.47 16.59
N SER B 12 25.34 -16.33 16.09
CA SER B 12 25.07 -17.02 14.83
C SER B 12 23.82 -17.86 14.96
N ASN B 13 23.75 -18.66 16.03
CA ASN B 13 22.61 -19.53 16.29
C ASN B 13 21.30 -18.77 16.39
N TYR B 14 21.35 -17.60 17.02
CA TYR B 14 20.16 -16.79 17.18
C TYR B 14 19.75 -16.13 15.87
N GLN B 15 20.72 -15.67 15.08
CA GLN B 15 20.39 -15.13 13.76
C GLN B 15 19.69 -16.20 12.92
N LYS B 16 20.24 -17.42 12.95
CA LYS B 16 19.63 -18.55 12.24
C LYS B 16 18.21 -18.84 12.71
N TYR B 17 18.05 -19.01 14.02
CA TYR B 17 16.73 -19.21 14.63
C TYR B 17 15.70 -18.14 14.23
N ILE B 18 16.05 -16.86 14.38
CA ILE B 18 15.09 -15.79 14.10
C ILE B 18 14.79 -15.66 12.63
N ASP B 19 15.80 -15.86 11.78
CA ASP B 19 15.56 -15.87 10.34
C ASP B 19 14.54 -16.97 10.04
N ASN B 20 14.70 -18.10 10.72
CA ASN B 20 13.71 -19.18 10.63
C ASN B 20 12.31 -18.72 11.00
N GLU B 21 12.15 -18.14 12.18
CA GLU B 21 10.82 -17.74 12.63
C GLU B 21 10.16 -16.72 11.69
N GLN B 22 10.89 -15.67 11.33
CA GLN B 22 10.32 -14.68 10.40
C GLN B 22 9.98 -15.33 9.06
N GLU B 23 10.80 -16.29 8.64
CA GLU B 23 10.49 -17.07 7.44
C GLU B 23 9.12 -17.75 7.56
N VAL B 24 8.96 -18.59 8.58
CA VAL B 24 7.69 -19.28 8.81
C VAL B 24 6.52 -18.28 8.86
N ARG B 25 6.77 -17.09 9.40
CA ARG B 25 5.74 -16.05 9.41
C ARG B 25 5.34 -15.62 8.02
N GLU B 26 6.30 -15.14 7.25
CA GLU B 26 6.02 -14.67 5.89
C GLU B 26 5.77 -15.85 4.97
N ASN B 27 5.59 -17.02 5.58
CA ASN B 27 5.23 -18.23 4.86
C ASN B 27 3.79 -18.61 5.19
N ILE B 28 3.34 -18.24 6.38
CA ILE B 28 1.95 -18.36 6.75
C ILE B 28 1.17 -17.26 6.04
N ARG B 29 1.79 -16.09 5.93
CA ARG B 29 1.17 -14.98 5.24
C ARG B 29 0.66 -15.36 3.85
N ILE B 30 1.42 -16.17 3.12
CA ILE B 30 0.99 -16.68 1.82
C ILE B 30 -0.40 -17.30 1.93
N VAL B 31 -0.44 -18.43 2.62
CA VAL B 31 -1.69 -19.15 2.85
C VAL B 31 -2.81 -18.19 3.27
N VAL B 32 -2.51 -17.26 4.17
CA VAL B 32 -3.52 -16.31 4.60
C VAL B 32 -4.09 -15.49 3.44
N ARG B 33 -3.23 -14.81 2.67
CA ARG B 33 -3.71 -14.08 1.50
C ARG B 33 -4.61 -15.00 0.69
N GLU B 34 -4.11 -16.20 0.41
CA GLU B 34 -4.84 -17.18 -0.38
C GLU B 34 -6.26 -17.41 0.15
N ILE B 35 -6.42 -17.39 1.47
CA ILE B 35 -7.76 -17.50 2.05
C ILE B 35 -8.58 -16.22 1.81
N GLU B 36 -7.97 -15.09 2.14
CA GLU B 36 -8.61 -13.80 1.95
C GLU B 36 -9.30 -13.69 0.60
N HIS B 37 -8.61 -14.07 -0.47
CA HIS B 37 -9.20 -13.95 -1.81
C HIS B 37 -10.55 -14.66 -1.95
N LEU B 38 -10.56 -15.94 -1.58
CA LEU B 38 -11.78 -16.71 -1.60
C LEU B 38 -12.86 -15.96 -0.81
N SER B 39 -12.51 -15.62 0.43
CA SER B 39 -13.44 -14.86 1.24
C SER B 39 -14.06 -13.75 0.41
N LYS B 40 -13.23 -12.94 -0.25
CA LYS B 40 -13.69 -11.83 -1.09
C LYS B 40 -14.75 -12.26 -2.10
N GLU B 41 -14.44 -13.29 -2.89
CA GLU B 41 -15.42 -13.82 -3.84
C GLU B 41 -16.79 -13.95 -3.18
N ALA B 42 -16.84 -14.77 -2.14
CA ALA B 42 -18.11 -14.98 -1.47
C ALA B 42 -18.78 -13.65 -1.06
N GLN B 43 -17.97 -12.78 -0.45
CA GLN B 43 -18.38 -11.46 0.05
C GLN B 43 -19.12 -10.60 -1.00
N ILE B 44 -18.53 -10.52 -2.18
CA ILE B 44 -19.17 -9.81 -3.29
C ILE B 44 -20.50 -10.48 -3.70
N LYS B 45 -20.51 -11.82 -3.69
CA LYS B 45 -21.79 -12.52 -3.95
C LYS B 45 -22.93 -12.08 -2.99
N LEU B 46 -22.63 -12.06 -1.70
CA LEU B 46 -23.64 -11.59 -0.77
C LEU B 46 -24.00 -10.10 -1.00
N GLN B 47 -23.05 -9.33 -1.52
CA GLN B 47 -23.41 -8.02 -2.09
C GLN B 47 -24.56 -8.14 -3.11
N ILE B 48 -24.52 -9.18 -3.96
CA ILE B 48 -25.66 -9.43 -4.86
C ILE B 48 -26.97 -9.82 -4.16
N ILE B 49 -26.89 -10.44 -2.98
CA ILE B 49 -28.13 -10.60 -2.19
C ILE B 49 -28.63 -9.23 -1.77
N HIS B 50 -27.72 -8.28 -1.71
CA HIS B 50 -28.11 -6.89 -1.43
C HIS B 50 -28.77 -6.18 -2.62
N SER B 51 -28.36 -6.57 -3.82
CA SER B 51 -28.96 -5.99 -5.05
C SER B 51 -30.31 -6.60 -5.49
N ASP B 52 -30.45 -7.93 -5.37
CA ASP B 52 -31.64 -8.63 -5.89
C ASP B 52 -31.96 -9.94 -5.14
N LEU B 53 -33.22 -10.11 -4.75
CA LEU B 53 -33.63 -11.23 -3.89
C LEU B 53 -33.68 -12.60 -4.56
N SER B 54 -33.72 -12.64 -5.88
CA SER B 54 -33.75 -13.93 -6.57
C SER B 54 -32.45 -14.69 -6.32
N GLN B 55 -31.35 -13.96 -6.45
CA GLN B 55 -30.02 -14.56 -6.35
C GLN B 55 -29.66 -14.90 -4.91
N ILE B 56 -30.57 -14.61 -3.99
CA ILE B 56 -30.31 -14.80 -2.57
C ILE B 56 -29.94 -16.26 -2.26
N SER B 57 -30.33 -17.16 -3.15
CA SER B 57 -30.13 -18.59 -2.94
C SER B 57 -28.89 -19.09 -3.65
N ALA B 58 -28.88 -18.98 -4.99
CA ALA B 58 -27.71 -19.34 -5.78
C ALA B 58 -26.46 -18.74 -5.14
N ALA B 59 -26.59 -17.49 -4.70
CA ALA B 59 -25.49 -16.78 -4.03
C ALA B 59 -24.99 -17.55 -2.80
N CYS B 60 -25.90 -17.93 -1.91
CA CYS B 60 -25.57 -18.80 -0.78
C CYS B 60 -24.79 -20.03 -1.25
N GLY B 61 -25.34 -20.75 -2.23
CA GLY B 61 -24.65 -21.92 -2.76
C GLY B 61 -23.19 -21.61 -3.08
N LEU B 62 -23.01 -20.56 -3.87
CA LEU B 62 -21.68 -20.10 -4.28
C LEU B 62 -20.76 -19.88 -3.06
N ALA B 63 -21.15 -18.96 -2.19
CA ALA B 63 -20.41 -18.67 -0.98
C ALA B 63 -19.98 -19.95 -0.28
N ARG B 64 -20.86 -20.94 -0.27
CA ARG B 64 -20.59 -22.23 0.36
C ARG B 64 -19.45 -22.96 -0.32
N LYS B 65 -19.53 -23.07 -1.65
CA LYS B 65 -18.44 -23.72 -2.37
C LYS B 65 -17.12 -22.97 -2.23
N GLN B 66 -17.17 -21.69 -1.87
CA GLN B 66 -15.94 -20.98 -1.50
C GLN B 66 -15.48 -21.42 -0.11
N VAL B 67 -16.44 -21.53 0.80
CA VAL B 67 -16.13 -21.89 2.19
C VAL B 67 -15.41 -23.22 2.25
N GLU B 68 -15.84 -24.18 1.45
CA GLU B 68 -15.18 -25.49 1.44
C GLU B 68 -13.69 -25.37 1.16
N LEU B 69 -13.36 -24.73 0.03
CA LEU B 69 -11.96 -24.51 -0.35
C LEU B 69 -11.20 -23.87 0.80
N CYS B 70 -11.75 -22.78 1.32
CA CYS B 70 -11.13 -22.16 2.47
C CYS B 70 -10.82 -23.22 3.53
N ALA B 71 -11.76 -24.11 3.80
CA ALA B 71 -11.53 -25.19 4.76
C ALA B 71 -10.28 -25.98 4.41
N GLN B 72 -10.17 -26.44 3.16
CA GLN B 72 -8.97 -27.14 2.74
C GLN B 72 -7.69 -26.36 3.12
N LYS B 73 -7.62 -25.10 2.69
CA LYS B 73 -6.42 -24.31 2.98
C LYS B 73 -6.19 -24.02 4.48
N TYR B 74 -7.24 -24.21 5.28
CA TYR B 74 -7.11 -24.15 6.74
C TYR B 74 -6.54 -25.44 7.28
N GLN B 75 -6.78 -26.55 6.59
CA GLN B 75 -6.05 -27.75 6.89
C GLN B 75 -4.59 -27.38 6.71
N LYS B 76 -4.30 -26.75 5.57
CA LYS B 76 -2.92 -26.28 5.29
C LYS B 76 -2.28 -25.47 6.44
N LEU B 77 -2.91 -24.36 6.81
CA LEU B 77 -2.38 -23.51 7.88
C LEU B 77 -2.25 -24.29 9.18
N ALA B 78 -3.23 -25.13 9.50
CA ALA B 78 -3.14 -25.98 10.69
C ALA B 78 -1.86 -26.77 10.65
N GLU B 79 -1.46 -27.20 9.46
CA GLU B 79 -0.17 -27.86 9.31
C GLU B 79 0.99 -26.89 9.52
N LEU B 80 0.77 -25.62 9.21
CA LEU B 80 1.84 -24.62 9.39
C LEU B 80 2.14 -24.20 10.84
N VAL B 81 1.28 -24.56 11.78
CA VAL B 81 1.47 -24.14 13.18
C VAL B 81 2.01 -25.25 14.09
N PRO B 82 3.24 -25.06 14.60
CA PRO B 82 3.98 -26.04 15.41
C PRO B 82 3.61 -26.02 16.89
N ALA B 83 3.53 -27.20 17.51
CA ALA B 83 3.26 -27.32 18.94
C ALA B 83 2.21 -26.33 19.40
N GLY B 84 2.51 -25.62 20.48
CA GLY B 84 1.68 -24.50 20.88
C GLY B 84 1.77 -23.46 19.79
N GLN B 85 2.48 -22.37 20.07
CA GLN B 85 2.81 -21.37 19.05
C GLN B 85 1.57 -20.79 18.37
N TYR B 86 0.42 -21.42 18.56
CA TYR B 86 -0.79 -21.01 17.85
C TYR B 86 -0.98 -19.50 18.03
N TYR B 87 -0.77 -19.04 19.26
CA TYR B 87 -0.97 -17.63 19.58
C TYR B 87 0.25 -16.77 19.27
N ARG B 88 1.35 -17.41 18.94
CA ARG B 88 2.52 -16.68 18.49
C ARG B 88 2.29 -16.19 17.07
N TYR B 89 1.47 -16.92 16.32
CA TYR B 89 1.11 -16.53 14.96
C TYR B 89 -0.39 -16.31 14.81
N SER B 90 -1.04 -15.85 15.87
CA SER B 90 -2.49 -15.77 15.92
C SER B 90 -3.16 -14.85 14.90
N ASP B 91 -2.72 -13.60 14.85
CA ASP B 91 -3.46 -12.49 14.23
C ASP B 91 -4.06 -12.67 12.81
N HIS B 92 -3.19 -12.91 11.84
CA HIS B 92 -3.58 -13.08 10.44
C HIS B 92 -4.93 -13.80 10.28
N TRP B 93 -4.93 -15.08 10.64
CA TRP B 93 -6.14 -15.85 10.51
C TRP B 93 -7.23 -15.39 11.48
N THR B 94 -6.93 -14.53 12.44
CA THR B 94 -8.03 -14.02 13.27
C THR B 94 -8.85 -13.04 12.46
N PHE B 95 -8.20 -12.08 11.80
CA PHE B 95 -9.02 -11.17 11.00
C PHE B 95 -9.72 -11.94 9.87
N ILE B 96 -8.98 -12.79 9.16
CA ILE B 96 -9.64 -13.52 8.08
C ILE B 96 -10.78 -14.44 8.55
N THR B 97 -10.53 -15.24 9.57
CA THR B 97 -11.55 -16.16 10.07
C THR B 97 -12.70 -15.43 10.73
N GLN B 98 -12.48 -14.17 11.12
CA GLN B 98 -13.59 -13.34 11.56
C GLN B 98 -14.45 -13.09 10.34
N ARG B 99 -13.77 -12.80 9.23
CA ARG B 99 -14.47 -12.64 7.96
C ARG B 99 -15.30 -13.88 7.63
N LEU B 100 -14.70 -15.07 7.74
CA LEU B 100 -15.36 -16.31 7.35
C LEU B 100 -16.46 -16.74 8.31
N ILE B 101 -16.22 -16.60 9.60
CA ILE B 101 -17.27 -16.87 10.56
C ILE B 101 -18.45 -16.01 10.17
N PHE B 102 -18.18 -14.74 9.86
CA PHE B 102 -19.25 -13.88 9.39
C PHE B 102 -19.95 -14.51 8.19
N ILE B 103 -19.23 -14.60 7.07
CA ILE B 103 -19.77 -15.17 5.86
C ILE B 103 -20.70 -16.34 6.12
N ILE B 104 -20.22 -17.31 6.87
CA ILE B 104 -20.99 -18.52 7.16
C ILE B 104 -22.25 -18.22 7.96
N ALA B 105 -22.12 -17.51 9.08
CA ALA B 105 -23.29 -17.16 9.88
C ALA B 105 -24.36 -16.46 9.05
N LEU B 106 -23.93 -15.48 8.26
CA LEU B 106 -24.81 -14.79 7.33
C LEU B 106 -25.50 -15.79 6.40
N VAL B 107 -24.70 -16.62 5.74
CA VAL B 107 -25.24 -17.61 4.82
C VAL B 107 -26.31 -18.50 5.47
N ILE B 108 -26.03 -19.00 6.67
CA ILE B 108 -27.00 -19.84 7.36
C ILE B 108 -28.22 -19.05 7.79
N TYR B 109 -28.08 -17.77 8.09
CA TYR B 109 -29.29 -17.00 8.38
C TYR B 109 -30.15 -16.85 7.13
N LEU B 110 -29.50 -16.62 5.99
CA LEU B 110 -30.21 -16.54 4.72
C LEU B 110 -30.94 -17.84 4.41
N GLU B 111 -30.32 -18.95 4.80
CA GLU B 111 -30.91 -20.27 4.60
C GLU B 111 -32.07 -20.50 5.56
N ALA B 112 -31.77 -20.57 6.84
CA ALA B 112 -32.79 -20.71 7.88
C ALA B 112 -32.62 -19.61 8.92
N GLY B 113 -33.63 -19.42 9.75
CA GLY B 113 -33.71 -18.25 10.61
C GLY B 113 -32.91 -18.29 11.90
N PHE B 114 -31.66 -18.74 11.82
CA PHE B 114 -30.81 -18.80 13.00
C PHE B 114 -29.32 -18.65 12.69
N LEU B 115 -28.54 -18.53 13.75
CA LEU B 115 -27.11 -18.33 13.63
C LEU B 115 -26.37 -19.64 13.93
N VAL B 116 -25.36 -19.95 13.11
CA VAL B 116 -24.58 -21.16 13.26
C VAL B 116 -23.93 -21.20 14.63
N THR B 117 -23.42 -22.36 15.00
CA THR B 117 -22.72 -22.48 16.27
C THR B 117 -21.24 -22.41 16.03
N ARG B 118 -20.47 -22.30 17.11
CA ARG B 118 -19.03 -22.42 16.99
C ARG B 118 -18.75 -23.73 16.27
N GLU B 119 -19.30 -24.80 16.82
CA GLU B 119 -19.09 -26.14 16.28
C GLU B 119 -19.30 -26.18 14.77
N THR B 120 -20.49 -25.83 14.31
CA THR B 120 -20.80 -25.91 12.88
C THR B 120 -19.78 -25.16 12.03
N VAL B 121 -19.54 -23.90 12.35
CA VAL B 121 -18.56 -23.12 11.61
C VAL B 121 -17.25 -23.88 11.59
N ALA B 122 -16.92 -24.52 12.71
CA ALA B 122 -15.69 -25.28 12.80
C ALA B 122 -15.67 -26.41 11.78
N GLU B 123 -16.65 -27.30 11.85
CA GLU B 123 -16.72 -28.45 10.95
C GLU B 123 -16.63 -28.02 9.50
N LEU B 125 -15.09 -25.38 8.26
CA LEU B 125 -13.76 -24.91 7.91
C LEU B 125 -12.70 -25.99 8.18
N GLY B 126 -13.15 -27.23 8.34
CA GLY B 126 -12.24 -28.33 8.61
C GLY B 126 -11.38 -28.10 9.85
N LEU B 127 -11.84 -27.17 10.69
CA LEU B 127 -11.13 -26.84 11.92
C LEU B 127 -11.65 -27.63 13.11
N LYS B 128 -10.74 -27.95 14.04
CA LYS B 128 -11.09 -28.63 15.28
C LYS B 128 -11.62 -27.57 16.23
N ILE B 129 -12.40 -27.99 17.23
CA ILE B 129 -13.07 -27.02 18.09
C ILE B 129 -12.22 -26.53 19.28
N SER B 130 -11.68 -27.46 20.07
CA SER B 130 -10.94 -27.11 21.27
C SER B 130 -9.46 -26.81 21.00
N GLN B 131 -8.86 -26.02 21.88
CA GLN B 131 -7.48 -25.58 21.72
C GLN B 131 -6.46 -26.71 21.94
N SER B 132 -6.95 -27.85 22.42
CA SER B 132 -6.10 -29.01 22.63
C SER B 132 -5.86 -29.74 21.32
N GLU B 133 -6.44 -29.21 20.25
CA GLU B 133 -6.32 -29.83 18.93
C GLU B 133 -5.28 -29.12 18.08
N GLY B 134 -4.51 -28.24 18.70
CA GLY B 134 -3.47 -27.50 18.01
C GLY B 134 -4.02 -26.26 17.33
N PHE B 135 -4.64 -26.46 16.16
CA PHE B 135 -5.25 -25.36 15.43
C PHE B 135 -6.77 -25.44 15.51
N HIS B 136 -7.35 -24.51 16.25
CA HIS B 136 -8.77 -24.51 16.52
C HIS B 136 -9.39 -23.22 16.06
N LEU B 137 -10.71 -23.12 16.24
CA LEU B 137 -11.44 -21.90 15.97
C LEU B 137 -11.72 -21.19 17.28
N ASP B 138 -10.92 -20.18 17.60
CA ASP B 138 -11.05 -19.53 18.90
C ASP B 138 -12.40 -18.84 19.05
N VAL B 139 -12.82 -18.65 20.29
CA VAL B 139 -14.14 -18.11 20.59
C VAL B 139 -14.27 -16.64 20.22
N GLU B 140 -13.35 -15.81 20.71
CA GLU B 140 -13.37 -14.40 20.39
C GLU B 140 -13.64 -14.21 18.90
N ASP B 141 -12.89 -14.95 18.08
CA ASP B 141 -13.05 -14.91 16.63
C ASP B 141 -14.52 -15.11 16.26
N TYR B 142 -15.07 -16.24 16.70
CA TYR B 142 -16.48 -16.55 16.48
C TYR B 142 -17.38 -15.36 16.80
N LEU B 143 -17.28 -14.88 18.03
CA LEU B 143 -18.10 -13.78 18.46
C LEU B 143 -18.01 -12.60 17.52
N LEU B 144 -16.81 -12.10 17.27
CA LEU B 144 -16.68 -10.96 16.37
C LEU B 144 -17.29 -11.24 14.98
N GLY B 145 -17.11 -12.46 14.49
CA GLY B 145 -17.72 -12.84 13.23
C GLY B 145 -19.23 -12.63 13.24
N ILE B 146 -19.90 -13.20 14.23
CA ILE B 146 -21.34 -13.03 14.29
C ILE B 146 -21.75 -11.57 14.55
N LEU B 147 -20.90 -10.79 15.21
CA LEU B 147 -21.14 -9.37 15.35
C LEU B 147 -21.24 -8.70 13.98
N GLN B 148 -20.29 -9.04 13.11
CA GLN B 148 -20.37 -8.60 11.72
C GLN B 148 -21.66 -9.07 11.07
N LEU B 149 -22.09 -10.29 11.39
CA LEU B 149 -23.38 -10.76 10.88
C LEU B 149 -24.47 -9.74 11.22
N ALA B 150 -24.55 -9.39 12.50
CA ALA B 150 -25.54 -8.44 12.99
C ALA B 150 -25.48 -7.10 12.26
N SER B 151 -24.27 -6.57 12.10
CA SER B 151 -24.08 -5.35 11.32
C SER B 151 -24.63 -5.47 9.90
N GLU B 152 -24.42 -6.62 9.26
CA GLU B 152 -24.88 -6.82 7.89
C GLU B 152 -26.41 -6.87 7.75
N LEU B 153 -27.05 -7.60 8.64
CA LEU B 153 -28.50 -7.80 8.52
C LEU B 153 -29.29 -6.48 8.54
N SER B 154 -28.69 -5.43 9.08
CA SER B 154 -29.35 -4.12 9.12
C SER B 154 -29.47 -3.53 7.72
N ARG B 155 -28.32 -3.24 7.13
CA ARG B 155 -28.24 -2.85 5.74
C ARG B 155 -29.16 -3.73 4.92
N PHE B 156 -29.21 -5.02 5.25
CA PHE B 156 -30.07 -5.92 4.50
C PHE B 156 -31.57 -5.61 4.63
N ALA B 157 -32.11 -5.68 5.85
CA ALA B 157 -33.52 -5.35 6.08
C ALA B 157 -33.90 -4.02 5.43
N THR B 158 -33.12 -2.97 5.74
CA THR B 158 -33.29 -1.71 5.06
C THR B 158 -33.48 -1.97 3.57
N ASN B 159 -32.56 -2.74 2.98
CA ASN B 159 -32.67 -3.02 1.55
C ASN B 159 -33.68 -4.10 1.16
N SER B 160 -34.51 -4.52 2.11
CA SER B 160 -35.58 -5.45 1.79
C SER B 160 -36.85 -4.64 1.67
N VAL B 161 -37.00 -3.66 2.56
CA VAL B 161 -38.11 -2.72 2.40
C VAL B 161 -37.85 -1.82 1.18
N THR B 162 -36.58 -1.45 0.99
CA THR B 162 -36.12 -0.75 -0.20
C THR B 162 -36.73 -1.33 -1.48
N GLY B 164 -38.95 -3.62 -1.67
CA GLY B 164 -40.31 -4.08 -1.45
C GLY B 164 -40.44 -5.42 -0.74
N ASP B 165 -40.30 -5.40 0.59
CA ASP B 165 -40.43 -6.60 1.40
C ASP B 165 -40.71 -6.22 2.85
N TYR B 166 -41.99 -6.16 3.19
CA TYR B 166 -42.40 -5.77 4.54
C TYR B 166 -42.46 -6.99 5.46
N GLU B 167 -41.53 -7.91 5.27
CA GLU B 167 -41.55 -9.16 6.01
C GLU B 167 -40.22 -9.42 6.71
N ARG B 168 -39.15 -9.43 5.93
CA ARG B 168 -37.82 -9.71 6.47
C ARG B 168 -37.48 -8.92 7.72
N PRO B 169 -37.61 -7.58 7.66
CA PRO B 169 -37.16 -6.74 8.76
C PRO B 169 -37.69 -7.17 10.12
N LEU B 170 -38.81 -7.89 10.13
CA LEU B 170 -39.36 -8.34 11.39
C LEU B 170 -38.58 -9.55 11.91
N ASN B 171 -38.47 -10.59 11.10
CA ASN B 171 -37.65 -11.74 11.46
C ASN B 171 -36.27 -11.28 11.91
N ILE B 172 -35.66 -10.44 11.09
CA ILE B 172 -34.34 -9.91 11.37
C ILE B 172 -34.32 -9.14 12.70
N SER B 173 -35.40 -8.41 12.98
CA SER B 173 -35.49 -7.62 14.22
C SER B 173 -35.60 -8.50 15.47
N HIS B 174 -36.25 -9.65 15.33
CA HIS B 174 -36.32 -10.61 16.42
C HIS B 174 -34.94 -11.23 16.62
N PHE B 175 -34.45 -11.84 15.54
CA PHE B 175 -33.13 -12.45 15.52
C PHE B 175 -32.10 -11.57 16.22
N ILE B 176 -31.94 -10.35 15.71
CA ILE B 176 -31.02 -9.39 16.29
C ILE B 176 -31.42 -8.96 17.70
N GLY B 177 -32.72 -8.93 17.98
CA GLY B 177 -33.19 -8.59 19.31
C GLY B 177 -32.63 -9.51 20.38
N ASP B 178 -32.96 -10.79 20.27
CA ASP B 178 -32.50 -11.77 21.25
C ASP B 178 -31.01 -12.10 21.12
N LEU B 179 -30.43 -11.94 19.93
CA LEU B 179 -28.98 -12.04 19.81
C LEU B 179 -28.33 -10.98 20.69
N ASN B 180 -28.70 -9.72 20.42
CA ASN B 180 -28.26 -8.58 21.21
C ASN B 180 -28.35 -8.86 22.70
N THR B 181 -29.57 -9.13 23.18
CA THR B 181 -29.70 -9.45 24.60
C THR B 181 -28.70 -10.56 24.92
N GLY B 182 -28.40 -11.38 23.92
CA GLY B 182 -27.40 -12.42 24.06
C GLY B 182 -26.04 -11.87 24.44
N PHE B 183 -25.65 -10.79 23.79
CA PHE B 183 -24.39 -10.13 24.12
C PHE B 183 -24.45 -9.34 25.42
N ARG B 184 -25.67 -8.95 25.81
CA ARG B 184 -25.84 -8.17 27.03
C ARG B 184 -25.29 -8.92 28.24
N LEU B 185 -25.40 -10.24 28.22
CA LEU B 185 -24.92 -11.05 29.35
C LEU B 185 -23.41 -11.35 29.26
N LEU B 186 -22.74 -10.69 28.32
CA LEU B 186 -21.30 -10.82 28.19
C LEU B 186 -20.57 -9.64 28.83
N ASN B 187 -19.27 -9.79 29.07
CA ASN B 187 -18.51 -8.84 29.87
C ASN B 187 -17.55 -7.94 29.08
N LEU B 188 -16.95 -6.96 29.75
CA LEU B 188 -16.07 -5.99 29.09
C LEU B 188 -14.60 -6.18 29.47
N LYS B 189 -13.76 -6.30 28.44
CA LYS B 189 -12.32 -6.51 28.64
C LYS B 189 -11.60 -6.60 27.29
N ARG B 194 -14.25 -4.33 22.79
CA ARG B 194 -15.54 -4.34 23.48
C ARG B 194 -16.49 -3.28 22.92
N LYS B 195 -16.00 -2.47 21.97
CA LYS B 195 -16.83 -1.45 21.35
C LYS B 195 -17.82 -2.08 20.37
N ARG B 196 -17.50 -3.30 19.93
CA ARG B 196 -18.36 -4.02 18.99
C ARG B 196 -19.73 -4.32 19.60
N PHE B 197 -19.73 -4.76 20.86
CA PHE B 197 -20.97 -5.07 21.57
C PHE B 197 -21.92 -3.86 21.60
N ASP B 198 -21.33 -2.68 21.71
CA ASP B 198 -22.08 -1.43 21.72
C ASP B 198 -22.58 -1.08 20.31
N ALA B 199 -21.70 -1.20 19.33
CA ALA B 199 -22.11 -1.02 17.93
C ALA B 199 -23.38 -1.81 17.60
N LEU B 200 -23.39 -3.10 17.94
CA LEU B 200 -24.60 -3.89 17.77
C LEU B 200 -25.72 -3.30 18.61
N LYS B 201 -25.41 -2.94 19.85
CA LYS B 201 -26.39 -2.23 20.67
C LYS B 201 -27.09 -1.14 19.87
N TYR B 202 -26.42 -0.62 18.84
CA TYR B 202 -27.01 0.40 17.96
C TYR B 202 -27.75 -0.13 16.72
N ASP B 203 -27.13 -1.09 16.02
CA ASP B 203 -27.81 -1.71 14.88
C ASP B 203 -29.20 -2.24 15.27
N VAL B 204 -29.31 -2.73 16.50
CA VAL B 204 -30.61 -3.11 17.06
C VAL B 204 -31.57 -1.96 16.86
N LYS B 205 -31.17 -0.79 17.32
CA LYS B 205 -31.96 0.43 17.16
C LYS B 205 -32.33 0.67 15.70
N LYS B 206 -31.37 0.54 14.79
CA LYS B 206 -31.68 0.75 13.37
C LYS B 206 -32.79 -0.18 12.84
N ILE B 207 -32.66 -1.47 13.13
CA ILE B 207 -33.69 -2.41 12.70
C ILE B 207 -35.03 -2.16 13.38
N GLU B 208 -35.07 -2.08 14.70
CA GLU B 208 -36.31 -1.78 15.41
C GLU B 208 -36.98 -0.57 14.77
N GLU B 209 -36.16 0.41 14.37
CA GLU B 209 -36.67 1.58 13.67
C GLU B 209 -37.35 1.17 12.38
N VAL B 210 -36.67 0.39 11.55
CA VAL B 210 -37.27 -0.04 10.27
C VAL B 210 -38.54 -0.89 10.46
N VAL B 211 -38.65 -1.55 11.60
CA VAL B 211 -39.83 -2.36 11.92
C VAL B 211 -41.00 -1.46 12.28
N TYR B 212 -40.76 -0.56 13.22
CA TYR B 212 -41.78 0.40 13.60
C TYR B 212 -42.37 1.09 12.37
N ASP B 213 -41.53 1.34 11.37
CA ASP B 213 -41.99 1.97 10.12
C ASP B 213 -43.11 1.19 9.42
N VAL B 214 -43.24 -0.09 9.74
CA VAL B 214 -44.32 -0.91 9.21
C VAL B 214 -45.67 -0.49 9.79
N VAL C 2 34.19 18.06 -3.94
CA VAL C 2 35.01 18.80 -4.90
C VAL C 2 34.16 19.71 -5.80
N GLN C 3 34.62 19.92 -7.03
CA GLN C 3 33.87 20.69 -8.01
C GLN C 3 32.91 19.76 -8.73
N GLN C 4 32.73 18.59 -8.14
CA GLN C 4 31.80 17.58 -8.62
C GLN C 4 30.39 18.11 -8.48
N PHE C 5 30.06 18.55 -7.27
CA PHE C 5 28.70 18.92 -6.91
C PHE C 5 28.12 20.03 -7.77
N ARG C 6 28.99 20.73 -8.49
CA ARG C 6 28.52 21.74 -9.43
C ARG C 6 27.64 21.09 -10.49
N ILE C 7 27.82 19.79 -10.68
CA ILE C 7 26.99 19.04 -11.63
C ILE C 7 25.86 18.32 -10.93
N TYR C 8 26.04 17.97 -9.67
CA TYR C 8 24.97 17.33 -8.91
C TYR C 8 23.83 18.32 -8.66
N SER C 9 24.13 19.40 -7.95
CA SER C 9 23.09 20.36 -7.59
C SER C 9 22.27 20.73 -8.81
N ASN C 10 22.94 21.04 -9.92
CA ASN C 10 22.27 21.30 -11.19
C ASN C 10 21.42 20.09 -11.61
N GLU C 11 22.09 18.95 -11.74
CA GLU C 11 21.49 17.72 -12.23
C GLU C 11 20.15 17.42 -11.57
N LEU C 12 20.04 17.71 -10.28
CA LEU C 12 18.75 17.50 -9.60
C LEU C 12 17.85 18.74 -9.64
N ILE C 13 18.45 19.92 -9.68
CA ILE C 13 17.67 21.15 -9.79
C ILE C 13 16.77 21.08 -11.02
N LYS C 15 15.25 18.52 -11.96
CA LYS C 15 14.08 17.85 -11.42
C LYS C 15 13.20 18.80 -10.60
N HIS C 16 13.83 19.57 -9.71
CA HIS C 16 13.06 20.54 -8.93
C HIS C 16 12.15 21.35 -9.85
N ASP C 17 12.75 21.90 -10.91
CA ASP C 17 12.02 22.72 -11.87
C ASP C 17 10.88 21.95 -12.57
N ARG C 18 11.23 20.83 -13.20
CA ARG C 18 10.23 20.04 -13.91
C ARG C 18 9.04 19.69 -13.01
N HIS C 19 9.34 19.31 -11.78
CA HIS C 19 8.30 19.01 -10.81
C HIS C 19 7.45 20.23 -10.52
N GLU C 20 8.07 21.40 -10.38
CA GLU C 20 7.31 22.61 -10.10
C GLU C 20 6.34 22.94 -11.24
N ARG C 21 6.85 23.00 -12.46
CA ARG C 21 6.00 23.32 -13.61
C ARG C 21 4.88 22.29 -13.76
N ILE C 22 5.23 21.02 -13.56
CA ILE C 22 4.23 19.96 -13.61
C ILE C 22 3.14 20.19 -12.58
N VAL C 23 3.53 20.58 -11.37
CA VAL C 23 2.55 20.91 -10.34
C VAL C 23 1.67 22.07 -10.79
N LYS C 24 2.25 23.02 -11.53
CA LYS C 24 1.45 24.09 -12.13
C LYS C 24 0.34 23.48 -12.97
N LEU C 25 0.72 22.66 -13.95
CA LEU C 25 -0.25 22.01 -14.82
C LEU C 25 -1.27 21.15 -14.09
N SER C 26 -0.87 20.60 -12.95
CA SER C 26 -1.76 19.78 -12.12
C SER C 26 -2.79 20.65 -11.39
N ARG C 27 -2.36 21.83 -10.94
CA ARG C 27 -3.30 22.78 -10.35
C ARG C 27 -4.32 23.15 -11.40
N ASP C 28 -3.82 23.61 -12.54
CA ASP C 28 -4.69 24.06 -13.62
C ASP C 28 -5.69 22.98 -14.06
N ILE C 29 -5.23 21.73 -14.15
CA ILE C 29 -6.09 20.62 -14.53
C ILE C 29 -7.11 20.25 -13.45
N THR C 30 -6.64 20.14 -12.20
CA THR C 30 -7.53 19.81 -11.10
C THR C 30 -8.67 20.82 -10.95
N ILE C 31 -8.34 22.11 -10.94
CA ILE C 31 -9.39 23.14 -10.78
C ILE C 31 -10.24 23.27 -12.04
N GLU C 32 -9.57 23.26 -13.20
CA GLU C 32 -10.24 23.38 -14.49
C GLU C 32 -11.24 22.24 -14.69
N SER C 33 -11.02 21.13 -14.00
CA SER C 33 -11.93 19.98 -14.05
C SER C 33 -13.01 20.10 -12.98
N LYS C 34 -12.60 20.53 -11.79
CA LYS C 34 -13.52 20.76 -10.69
C LYS C 34 -14.67 21.62 -11.17
N ARG C 35 -14.34 22.63 -11.97
CA ARG C 35 -15.37 23.51 -12.55
C ARG C 35 -16.35 22.72 -13.44
N ILE C 36 -15.83 21.70 -14.13
CA ILE C 36 -16.65 20.89 -15.03
C ILE C 36 -17.66 20.04 -14.26
N ILE C 37 -17.21 19.37 -13.20
CA ILE C 37 -18.16 18.64 -12.37
C ILE C 37 -19.15 19.62 -11.73
N PHE C 38 -18.67 20.79 -11.34
CA PHE C 38 -19.53 21.84 -10.82
C PHE C 38 -20.66 22.11 -11.80
N LEU C 39 -20.31 22.21 -13.07
CA LEU C 39 -21.29 22.38 -14.13
C LEU C 39 -22.26 21.21 -14.13
N LEU C 40 -21.73 20.00 -13.99
CA LEU C 40 -22.59 18.81 -13.94
C LEU C 40 -23.44 18.75 -12.67
N HIS C 41 -23.27 19.72 -11.78
CA HIS C 41 -24.10 19.79 -10.57
C HIS C 41 -25.41 20.53 -10.78
N SER C 42 -25.58 21.13 -11.95
CA SER C 42 -26.75 21.98 -12.23
C SER C 42 -28.09 21.28 -12.02
N ILE C 43 -28.08 19.95 -12.00
CA ILE C 43 -29.29 19.18 -11.75
C ILE C 43 -29.05 18.02 -10.79
N ASN C 49 -33.82 21.30 -15.40
CA ASN C 49 -33.18 22.08 -16.45
C ASN C 49 -32.98 21.28 -17.73
N LYS C 50 -32.22 21.87 -18.67
CA LYS C 50 -31.98 21.24 -19.95
C LYS C 50 -30.70 20.40 -19.94
N GLU C 51 -30.20 20.06 -21.13
CA GLU C 51 -29.05 19.17 -21.24
C GLU C 51 -27.98 19.67 -22.21
N LYS C 52 -27.70 20.98 -22.15
CA LYS C 52 -26.61 21.56 -22.92
C LYS C 52 -25.30 21.34 -22.19
N VAL C 53 -25.39 21.34 -20.86
CA VAL C 53 -24.22 21.17 -20.00
C VAL C 53 -23.48 19.89 -20.34
N LEU C 54 -24.21 18.90 -20.86
CA LEU C 54 -23.63 17.60 -21.20
C LEU C 54 -22.67 17.71 -22.39
N GLU C 55 -23.13 18.35 -23.46
CA GLU C 55 -22.34 18.45 -24.68
C GLU C 55 -21.23 19.50 -24.54
N GLU C 56 -21.57 20.65 -23.96
CA GLU C 56 -20.58 21.68 -23.66
C GLU C 56 -19.50 21.12 -22.74
N ALA C 57 -19.94 20.37 -21.74
CA ALA C 57 -19.03 19.74 -20.77
C ALA C 57 -18.11 18.72 -21.44
N ARG C 58 -18.67 17.83 -22.25
CA ARG C 58 -17.85 16.84 -22.93
C ARG C 58 -16.79 17.53 -23.81
N GLN C 59 -17.19 18.59 -24.50
CA GLN C 59 -16.24 19.36 -25.29
C GLN C 59 -15.11 19.94 -24.42
N ARG C 60 -15.50 20.60 -23.34
CA ARG C 60 -14.54 21.19 -22.40
C ARG C 60 -13.53 20.13 -21.89
N LEU C 61 -14.05 18.95 -21.55
CA LEU C 61 -13.20 17.83 -21.17
C LEU C 61 -12.23 17.51 -22.30
N ASN C 62 -12.73 17.58 -23.53
CA ASN C 62 -11.90 17.35 -24.70
C ASN C 62 -10.80 18.41 -24.88
N LYS C 63 -10.99 19.58 -24.30
CA LYS C 63 -9.93 20.59 -24.25
C LYS C 63 -8.93 20.26 -23.13
N LEU C 64 -9.46 19.72 -22.04
CA LEU C 64 -8.60 19.26 -20.96
C LEU C 64 -7.75 18.06 -21.40
N ILE C 65 -8.13 17.44 -22.51
CA ILE C 65 -7.25 16.46 -23.14
C ILE C 65 -6.09 17.19 -23.84
N ALA C 66 -6.30 18.46 -24.15
CA ALA C 66 -5.24 19.32 -24.70
C ALA C 66 -4.29 19.83 -23.60
N VAL C 67 -4.84 20.23 -22.46
CA VAL C 67 -3.98 20.59 -21.32
C VAL C 67 -3.25 19.38 -20.71
N ASN C 68 -3.91 18.22 -20.68
CA ASN C 68 -3.24 16.98 -20.32
C ASN C 68 -2.16 16.69 -21.36
N PHE C 69 -2.51 16.90 -22.63
CA PHE C 69 -1.53 16.89 -23.71
C PHE C 69 -0.30 17.73 -23.32
N ARG C 70 -0.55 18.87 -22.68
CA ARG C 70 0.55 19.72 -22.19
C ARG C 70 1.37 19.09 -21.07
N ALA C 71 0.70 18.66 -20.00
CA ALA C 71 1.39 18.07 -18.85
C ALA C 71 2.06 16.72 -19.13
N VAL C 72 1.84 16.17 -20.32
CA VAL C 72 2.62 15.01 -20.75
C VAL C 72 3.70 15.42 -21.74
N ALA C 73 3.45 16.53 -22.45
CA ALA C 73 4.43 17.07 -23.40
C ALA C 73 5.87 16.89 -22.93
N LEU C 74 6.15 17.30 -21.70
CA LEU C 74 7.51 17.22 -21.16
C LEU C 74 7.81 15.88 -20.51
N GLU C 75 7.60 14.79 -21.24
CA GLU C 75 7.79 13.46 -20.67
C GLU C 75 8.79 12.60 -21.45
N LEU C 76 9.77 12.06 -20.72
CA LEU C 76 10.78 11.17 -21.30
C LEU C 76 11.29 10.17 -20.29
N VAL C 81 7.67 7.95 -16.15
CA VAL C 81 8.17 7.32 -14.94
C VAL C 81 7.46 7.88 -13.70
N TYR C 82 7.52 7.18 -12.58
CA TYR C 82 6.81 7.60 -11.38
C TYR C 82 7.50 8.77 -10.68
N GLN C 83 8.78 8.98 -11.00
CA GLN C 83 9.57 10.02 -10.36
C GLN C 83 8.80 11.33 -10.27
N PHE C 84 7.96 11.61 -11.27
CA PHE C 84 7.22 12.86 -11.30
C PHE C 84 5.73 12.66 -11.03
N ARG C 85 5.29 11.41 -10.94
CA ARG C 85 3.88 11.10 -10.80
C ARG C 85 3.25 11.62 -9.50
N SER C 86 4.08 12.20 -8.65
CA SER C 86 3.62 12.74 -7.37
C SER C 86 2.54 13.81 -7.59
N SER C 87 2.78 14.69 -8.55
CA SER C 87 1.83 15.76 -8.86
C SER C 87 0.55 15.21 -9.45
N TYR C 88 0.61 13.97 -9.94
CA TYR C 88 -0.55 13.33 -10.54
C TYR C 88 -1.75 13.37 -9.61
N SER C 89 -1.62 14.13 -8.52
CA SER C 89 -2.70 14.26 -7.55
C SER C 89 -3.99 14.71 -8.23
N PRO C 90 -4.88 15.31 -7.45
CA PRO C 90 -6.17 15.78 -7.98
C PRO C 90 -6.12 15.98 -9.49
N GLY C 91 -5.03 16.56 -9.98
CA GLY C 91 -4.88 16.81 -11.40
C GLY C 91 -5.33 15.64 -12.24
N LEU C 92 -4.76 14.47 -11.97
CA LEU C 92 -5.11 13.26 -12.70
C LEU C 92 -6.34 12.59 -12.10
N GLN C 93 -6.48 12.72 -10.79
CA GLN C 93 -7.61 12.12 -10.09
C GLN C 93 -8.90 12.87 -10.40
N GLU C 94 -8.90 14.18 -10.19
CA GLU C 94 -10.07 15.00 -10.45
C GLU C 94 -10.61 14.76 -11.85
N PHE C 95 -9.70 14.67 -12.83
CA PHE C 95 -10.10 14.43 -14.21
C PHE C 95 -10.91 13.16 -14.34
N ILE C 96 -10.39 12.06 -13.79
CA ILE C 96 -11.07 10.78 -13.84
C ILE C 96 -12.45 10.90 -13.22
N GLU C 97 -12.54 11.62 -12.10
CA GLU C 97 -13.82 11.85 -11.46
C GLU C 97 -14.82 12.56 -12.37
N ALA C 98 -14.49 13.78 -12.79
CA ALA C 98 -15.41 14.56 -13.61
C ALA C 98 -15.83 13.82 -14.87
N TYR C 99 -14.85 13.22 -15.55
CA TYR C 99 -15.08 12.48 -16.78
C TYR C 99 -16.05 11.32 -16.55
N THR C 100 -15.64 10.40 -15.69
CA THR C 100 -16.47 9.26 -15.38
C THR C 100 -17.86 9.71 -14.97
N TYR C 101 -17.96 10.89 -14.35
CA TYR C 101 -19.25 11.45 -13.98
C TYR C 101 -20.06 11.79 -15.22
N GLU C 103 -20.01 10.37 -17.78
CA GLU C 103 -20.57 9.11 -18.26
C GLU C 103 -21.71 8.49 -17.41
N TYR C 104 -21.47 8.32 -16.11
CA TYR C 104 -22.44 7.68 -15.21
C TYR C 104 -23.56 8.60 -14.75
N LEU C 105 -23.68 9.75 -15.40
CA LEU C 105 -24.92 10.52 -15.40
C LEU C 105 -25.32 10.79 -16.84
N CYS C 106 -24.45 10.39 -17.76
CA CYS C 106 -24.74 10.53 -19.18
C CYS C 106 -25.76 9.48 -19.61
N HIS C 107 -25.67 8.31 -18.99
CA HIS C 107 -26.62 7.23 -19.24
C HIS C 107 -28.08 7.70 -19.13
N GLU C 108 -28.51 7.99 -17.91
CA GLU C 108 -29.87 8.50 -17.67
C GLU C 108 -29.99 9.06 -16.26
N THR C 116 -24.10 -2.37 -16.75
CA THR C 116 -23.88 -0.94 -16.64
C THR C 116 -22.43 -0.58 -16.26
N LYS C 117 -21.59 -0.45 -17.28
CA LYS C 117 -20.19 -0.06 -17.10
C LYS C 117 -20.06 1.32 -16.43
N SER C 118 -20.64 2.31 -17.08
CA SER C 118 -20.53 3.72 -16.69
C SER C 118 -19.11 4.27 -16.51
N VAL C 119 -18.21 4.09 -17.48
CA VAL C 119 -18.38 3.34 -18.70
C VAL C 119 -16.95 3.19 -19.21
N SER C 120 -16.21 4.28 -19.03
CA SER C 120 -14.90 4.50 -19.65
C SER C 120 -13.94 3.32 -19.69
N ASP C 121 -13.41 2.94 -18.53
CA ASP C 121 -12.28 2.02 -18.46
C ASP C 121 -10.96 2.71 -18.80
N TRP C 122 -10.12 2.89 -17.78
CA TRP C 122 -8.84 3.59 -17.89
C TRP C 122 -7.96 3.22 -19.08
N GLN C 123 -8.23 2.07 -19.70
CA GLN C 123 -7.47 1.68 -20.88
C GLN C 123 -7.93 2.47 -22.10
N ALA C 124 -9.25 2.62 -22.24
CA ALA C 124 -9.83 3.47 -23.26
C ALA C 124 -9.35 4.90 -23.09
N ILE C 125 -9.19 5.30 -21.84
CA ILE C 125 -8.69 6.62 -21.50
C ILE C 125 -7.25 6.78 -21.96
N GLN C 126 -6.41 5.81 -21.62
CA GLN C 126 -5.03 5.83 -22.07
C GLN C 126 -4.99 5.76 -23.60
N ALA C 127 -6.11 5.35 -24.19
CA ALA C 127 -6.25 5.29 -25.64
C ALA C 127 -6.57 6.65 -26.23
N VAL C 128 -7.36 7.45 -25.51
CA VAL C 128 -7.64 8.82 -25.96
C VAL C 128 -6.50 9.77 -25.56
N GLN C 130 -3.28 8.50 -25.66
CA GLN C 130 -2.25 8.08 -26.60
C GLN C 130 -2.31 8.95 -27.85
N TYR C 131 -3.47 9.57 -28.08
CA TYR C 131 -3.64 10.48 -29.21
C TYR C 131 -2.72 11.68 -29.07
N VAL C 132 -2.28 11.91 -27.84
CA VAL C 132 -1.31 12.98 -27.56
C VAL C 132 0.05 12.62 -28.16
N GLU C 133 0.18 12.85 -29.47
CA GLU C 133 1.43 12.56 -30.19
C GLU C 133 1.54 13.41 -31.45
N PHE C 162 0.75 10.79 -24.38
CA PHE C 162 0.27 9.72 -23.51
C PHE C 162 0.69 9.94 -22.06
N PHE C 163 -0.26 9.77 -21.14
CA PHE C 163 0.05 9.75 -19.72
C PHE C 163 -0.43 8.43 -19.13
N VAL C 164 0.49 7.62 -18.61
CA VAL C 164 0.11 6.33 -18.05
C VAL C 164 -1.12 6.47 -17.16
N ASP C 165 -1.91 5.42 -17.07
CA ASP C 165 -3.15 5.48 -16.31
C ASP C 165 -3.52 4.14 -15.68
N PRO C 166 -2.90 3.80 -14.53
CA PRO C 166 -3.16 2.55 -13.84
C PRO C 166 -4.11 2.69 -12.64
N THR C 167 -3.55 2.59 -11.45
CA THR C 167 -4.32 2.59 -10.20
C THR C 167 -4.95 3.95 -9.89
N GLU C 168 -4.35 5.00 -10.44
CA GLU C 168 -4.91 6.34 -10.34
C GLU C 168 -6.34 6.30 -10.88
N TYR C 169 -6.58 5.41 -11.83
CA TYR C 169 -7.91 5.21 -12.39
C TYR C 169 -8.85 4.66 -11.34
N ILE C 170 -8.56 3.46 -10.87
CA ILE C 170 -9.41 2.81 -9.88
C ILE C 170 -9.63 3.68 -8.64
N LEU C 171 -8.82 4.73 -8.51
CA LEU C 171 -9.05 5.73 -7.46
C LEU C 171 -10.05 6.79 -7.92
N GLY C 172 -9.72 7.43 -9.04
CA GLY C 172 -10.60 8.42 -9.64
C GLY C 172 -12.03 7.94 -9.74
N LEU C 173 -12.21 6.63 -9.86
CA LEU C 173 -13.56 6.06 -9.99
C LEU C 173 -14.30 5.93 -8.65
N SER C 174 -13.55 5.81 -7.56
CA SER C 174 -14.13 5.93 -6.22
C SER C 174 -14.58 7.37 -6.02
N ASP C 175 -13.71 8.29 -6.43
CA ASP C 175 -14.08 9.69 -6.42
C ASP C 175 -15.36 9.89 -7.24
N LEU C 176 -15.48 9.13 -8.32
CA LEU C 176 -16.72 9.13 -9.11
C LEU C 176 -17.91 8.60 -8.32
N THR C 177 -17.69 7.64 -7.42
CA THR C 177 -18.77 7.23 -6.52
C THR C 177 -19.24 8.46 -5.74
N GLY C 178 -18.28 9.19 -5.18
CA GLY C 178 -18.62 10.44 -4.55
C GLY C 178 -19.52 11.26 -5.46
N GLU C 179 -19.08 11.46 -6.69
CA GLU C 179 -19.81 12.26 -7.67
C GLU C 179 -21.27 11.82 -7.84
N LEU C 180 -21.48 10.53 -8.03
CA LEU C 180 -22.84 9.99 -8.14
C LEU C 180 -23.64 10.38 -6.92
N ARG C 182 -23.29 12.87 -5.33
CA ARG C 182 -23.61 14.28 -5.56
C ARG C 182 -24.83 14.45 -6.46
N ARG C 183 -24.84 13.78 -7.60
CA ARG C 183 -25.99 13.83 -8.50
C ARG C 183 -27.29 13.49 -7.76
N CYS C 184 -27.23 12.47 -6.91
CA CYS C 184 -28.40 12.05 -6.15
C CYS C 184 -28.82 13.12 -5.15
N ILE C 185 -27.88 13.53 -4.31
CA ILE C 185 -28.19 14.53 -3.30
C ILE C 185 -28.79 15.77 -3.97
N ASN C 186 -28.42 16.00 -5.22
CA ASN C 186 -29.04 17.06 -6.01
C ASN C 186 -30.55 16.89 -6.07
N SER C 187 -30.99 15.63 -6.22
CA SER C 187 -32.41 15.32 -6.29
C SER C 187 -33.13 15.69 -5.00
N LEU C 188 -34.44 15.83 -5.09
CA LEU C 188 -35.25 16.31 -3.97
C LEU C 188 -34.86 17.74 -3.59
N ASP C 194 -37.36 9.82 -7.81
CA ASP C 194 -37.42 8.85 -8.90
C ASP C 194 -36.09 8.80 -9.63
N THR C 195 -35.10 9.51 -9.10
CA THR C 195 -33.81 9.64 -9.76
C THR C 195 -32.66 9.19 -8.87
N CYS C 196 -32.96 8.97 -7.60
CA CYS C 196 -31.95 8.52 -6.65
C CYS C 196 -31.67 7.04 -6.84
N LEU C 197 -32.70 6.30 -7.27
CA LEU C 197 -32.62 4.87 -7.43
C LEU C 197 -31.46 4.47 -8.34
N ASP C 198 -31.32 5.19 -9.45
CA ASP C 198 -30.23 4.96 -10.38
C ASP C 198 -28.91 5.07 -9.65
N THR C 199 -28.82 6.09 -8.79
CA THR C 199 -27.61 6.32 -8.00
C THR C 199 -27.38 5.16 -7.04
N CYS C 200 -28.45 4.60 -6.50
CA CYS C 200 -28.33 3.48 -5.58
C CYS C 200 -27.81 2.22 -6.26
N LYS C 201 -28.45 1.84 -7.35
CA LYS C 201 -27.98 0.69 -8.11
C LYS C 201 -26.51 0.89 -8.48
N ALA C 202 -26.23 2.06 -9.06
CA ALA C 202 -24.87 2.40 -9.44
C ALA C 202 -23.88 2.19 -8.30
N LEU C 203 -24.21 2.70 -7.11
CA LEU C 203 -23.30 2.60 -5.97
C LEU C 203 -23.20 1.19 -5.39
N GLN C 204 -24.23 0.37 -5.57
CA GLN C 204 -24.18 -1.01 -5.11
C GLN C 204 -23.28 -1.82 -6.02
N HIS C 205 -23.34 -1.53 -7.32
CA HIS C 205 -22.45 -2.16 -8.28
C HIS C 205 -21.01 -1.73 -8.07
N PHE C 206 -20.80 -0.42 -8.00
CA PHE C 206 -19.47 0.10 -7.69
C PHE C 206 -18.90 -0.56 -6.46
N TYR C 207 -19.69 -0.57 -5.39
CA TYR C 207 -19.22 -1.15 -4.14
C TYR C 207 -18.83 -2.61 -4.34
N SER C 208 -19.75 -3.41 -4.86
CA SER C 208 -19.46 -4.81 -5.13
C SER C 208 -18.18 -4.94 -5.96
N GLY C 209 -17.84 -3.89 -6.68
CA GLY C 209 -16.66 -3.88 -7.53
C GLY C 209 -15.44 -3.24 -6.89
N TYR C 210 -15.60 -2.78 -5.64
CA TYR C 210 -14.52 -2.14 -4.91
C TYR C 210 -14.23 -2.89 -3.63
N ILE C 211 -15.20 -3.68 -3.19
CA ILE C 211 -14.97 -4.63 -2.12
C ILE C 211 -14.34 -5.85 -2.75
N SER C 212 -14.52 -5.97 -4.06
CA SER C 212 -14.14 -7.16 -4.80
C SER C 212 -12.62 -7.38 -4.90
N LEU C 213 -11.82 -6.41 -4.48
CA LEU C 213 -10.38 -6.52 -4.66
C LEU C 213 -9.56 -6.62 -3.36
N ASN C 214 -8.25 -6.42 -3.48
CA ASN C 214 -7.29 -6.62 -2.38
C ASN C 214 -6.92 -5.35 -1.61
N CYS C 215 -7.12 -5.37 -0.30
CA CYS C 215 -6.74 -4.26 0.56
C CYS C 215 -5.89 -4.71 1.74
N GLU C 220 -4.03 2.56 2.47
CA GLU C 220 -4.04 2.49 1.01
C GLU C 220 -5.38 2.96 0.44
N LEU C 221 -6.20 1.99 0.02
CA LEU C 221 -7.54 2.28 -0.52
C LEU C 221 -8.60 2.01 0.52
N TRP C 222 -8.26 1.24 1.55
CA TRP C 222 -9.21 0.94 2.62
C TRP C 222 -9.87 2.24 3.07
N ARG C 223 -9.10 3.31 3.06
CA ARG C 223 -9.60 4.65 3.39
C ARG C 223 -10.69 5.11 2.43
N LYS C 224 -10.54 4.78 1.15
CA LYS C 224 -11.52 5.15 0.14
C LYS C 224 -12.74 4.23 0.20
N ILE C 225 -12.48 2.93 0.28
CA ILE C 225 -13.54 1.94 0.25
C ILE C 225 -14.45 2.02 1.47
N THR C 226 -13.90 2.35 2.64
CA THR C 226 -14.72 2.49 3.83
C THR C 226 -15.74 3.62 3.66
N THR C 227 -15.22 4.80 3.36
CA THR C 227 -16.05 5.97 3.15
C THR C 227 -17.06 5.74 2.02
N LYS C 229 -18.41 2.76 1.36
CA LYS C 229 -19.46 1.96 1.98
C LYS C 229 -20.43 2.89 2.70
N GLN C 230 -19.88 3.86 3.41
CA GLN C 230 -20.73 4.81 4.13
C GLN C 230 -21.67 5.56 3.18
N SER C 231 -21.13 5.99 2.05
CA SER C 231 -21.96 6.69 1.05
C SER C 231 -23.05 5.77 0.46
N VAL C 232 -22.72 4.49 0.26
CA VAL C 232 -23.69 3.51 -0.23
C VAL C 232 -24.78 3.24 0.80
N LEU C 233 -24.44 3.42 2.07
CA LEU C 233 -25.43 3.32 3.14
C LEU C 233 -26.32 4.54 3.15
N LYS C 234 -25.73 5.71 2.94
CA LYS C 234 -26.50 6.92 2.78
C LYS C 234 -27.54 6.67 1.70
N ALA C 235 -27.05 6.46 0.49
CA ALA C 235 -27.90 6.18 -0.66
C ALA C 235 -28.97 5.13 -0.38
N GLU C 236 -28.57 3.90 -0.03
CA GLU C 236 -29.53 2.82 0.25
C GLU C 236 -30.60 3.26 1.23
N ASN C 237 -30.19 4.03 2.24
CA ASN C 237 -31.14 4.58 3.21
C ASN C 237 -32.11 5.57 2.59
N VAL C 238 -31.65 6.33 1.60
CA VAL C 238 -32.55 7.25 0.89
C VAL C 238 -33.53 6.51 -0.02
N CYS C 239 -33.03 5.64 -0.89
CA CYS C 239 -33.89 4.87 -1.79
C CYS C 239 -34.89 4.08 -0.97
N TYR C 240 -34.50 3.80 0.28
CA TYR C 240 -35.39 3.11 1.19
C TYR C 240 -36.46 4.05 1.75
N ASN C 241 -36.04 5.21 2.22
CA ASN C 241 -36.99 6.17 2.80
C ASN C 241 -38.02 6.66 1.80
N VAL C 242 -37.59 6.77 0.54
CA VAL C 242 -38.51 7.12 -0.53
C VAL C 242 -39.75 6.26 -0.40
N LYS C 243 -39.62 4.99 -0.75
CA LYS C 243 -40.70 4.05 -0.61
C LYS C 243 -41.13 3.99 0.86
N VAL C 244 -41.94 4.96 1.27
CA VAL C 244 -42.34 5.10 2.66
C VAL C 244 -42.84 3.78 3.25
#